data_5NHW
#
_entry.id   5NHW
#
_cell.length_a   44.021
_cell.length_b   78.016
_cell.length_c   131.288
_cell.angle_alpha   90.000
_cell.angle_beta   90.000
_cell.angle_gamma   90.000
#
_symmetry.space_group_name_H-M   'P 21 21 21'
#
loop_
_entity.id
_entity.type
_entity.pdbx_description
1 polymer 'anti-human ActRII Bimagrumab Fab heavy-chain'
2 polymer 'anti-human ActRII Bimagrumab Fab light-chain'
3 non-polymer GLYCEROL
4 water water
#
loop_
_entity_poly.entity_id
_entity_poly.type
_entity_poly.pdbx_seq_one_letter_code
_entity_poly.pdbx_strand_id
1 'polypeptide(L)'
;(PCA)VQLVQSGAEVKKPGASVKVSCKASGYTFTSSYINWVRQAPGQGLEWMGTINPVSGSTSYAQKFQGRVTMTRDTSI
STAYMELSRLRSDDTAVYYCARGGWFDYWGQGTLVTVSSASTKGPSVFPLAPSSKSTSGGTAALGCLVKDYFPEPVTVSW
NSGALTSGVHTFPAVLQSSGLYSLSSVVTVPSSSLGTQTYICNVNHKPSNTKVDKKVEPKSEFDYKDDDDKGAPHHHHHH
;
H
2 'polypeptide(L)'
;QSALTQPASVSGSPGQSITISCTGTSSDVGSYNYVNWYQQHPGKAPKLMIYGVSKRPSGVSNRFSGSKSGNTASLTISGL
QAEDEADYYCGTFAGGSYYGVFGGGTKLTVLGQPKAAPSVTLFPPSSEELQANKATLVCLISDFYPGAVTVAWKADSSPV
KAGVETTTPSKQSNNKYAASSYLSLTPEQWKSHRSYSCQVTHEGSTVEKTVAPTEA
;
L
#
loop_
_chem_comp.id
_chem_comp.type
_chem_comp.name
_chem_comp.formula
GOL non-polymer GLYCEROL 'C3 H8 O3'
#
# COMPACT_ATOMS: atom_id res chain seq x y z
N PCA A 1 18.04 -0.07 -27.61
CA PCA A 1 16.86 0.09 -26.77
CB PCA A 1 16.59 -1.24 -26.03
CG PCA A 1 18.00 -1.89 -26.07
CD PCA A 1 18.77 -1.13 -27.18
OE PCA A 1 19.91 -1.44 -27.62
C PCA A 1 17.08 1.19 -25.76
O PCA A 1 18.17 1.35 -25.25
N VAL A 2 16.00 1.94 -25.46
CA VAL A 2 16.02 3.01 -24.47
C VAL A 2 16.09 2.40 -23.10
N GLN A 3 17.02 2.87 -22.26
CA GLN A 3 17.09 2.35 -20.91
C GLN A 3 17.51 3.48 -19.99
N LEU A 4 16.96 3.45 -18.77
CA LEU A 4 17.35 4.34 -17.69
C LEU A 4 17.76 3.43 -16.53
N VAL A 5 19.03 3.50 -16.11
CA VAL A 5 19.56 2.70 -15.02
C VAL A 5 19.71 3.59 -13.80
N GLN A 6 19.16 3.13 -12.67
CA GLN A 6 19.22 3.93 -11.43
C GLN A 6 20.19 3.32 -10.42
N SER A 7 20.69 4.16 -9.50
CA SER A 7 21.60 3.71 -8.44
C SER A 7 20.86 2.79 -7.46
N GLY A 8 21.66 2.07 -6.66
CA GLY A 8 21.15 1.07 -5.75
C GLY A 8 20.38 1.50 -4.55
N ALA A 9 19.63 0.53 -4.00
CA ALA A 9 18.82 0.67 -2.78
C ALA A 9 19.65 1.25 -1.63
N GLU A 10 19.01 2.06 -0.77
CA GLU A 10 19.66 2.71 0.37
C GLU A 10 18.73 2.69 1.56
N VAL A 11 19.30 2.76 2.76
CA VAL A 11 18.49 2.88 3.99
C VAL A 11 19.10 4.08 4.70
N LYS A 12 18.27 5.03 5.06
CA LYS A 12 18.77 6.25 5.69
C LYS A 12 18.05 6.50 6.99
N LYS A 13 18.72 7.14 7.96
CA LYS A 13 18.03 7.49 9.18
C LYS A 13 17.21 8.79 8.97
N PRO A 14 16.11 8.99 9.70
CA PRO A 14 15.39 10.28 9.61
C PRO A 14 16.34 11.44 9.80
N GLY A 15 16.17 12.46 8.97
CA GLY A 15 16.97 13.68 8.99
C GLY A 15 18.10 13.70 7.97
N ALA A 16 18.49 12.51 7.48
CA ALA A 16 19.58 12.37 6.50
C ALA A 16 19.07 12.76 5.09
N SER A 17 19.94 12.66 4.07
CA SER A 17 19.57 12.94 2.69
C SER A 17 19.94 11.72 1.84
N VAL A 18 19.35 11.64 0.63
CA VAL A 18 19.66 10.53 -0.29
C VAL A 18 19.81 11.15 -1.67
N LYS A 19 20.76 10.67 -2.46
CA LYS A 19 20.98 11.18 -3.82
C LYS A 19 20.86 9.97 -4.76
N VAL A 20 19.90 10.04 -5.69
CA VAL A 20 19.62 8.93 -6.60
C VAL A 20 20.12 9.34 -7.99
N SER A 21 20.80 8.42 -8.70
CA SER A 21 21.23 8.74 -10.05
C SER A 21 20.39 7.97 -11.06
N CYS A 22 20.37 8.48 -12.28
CA CYS A 22 19.58 7.90 -13.36
C CYS A 22 20.40 8.10 -14.63
N LYS A 23 20.95 7.03 -15.20
CA LYS A 23 21.83 7.14 -16.37
C LYS A 23 21.12 6.63 -17.59
N ALA A 24 21.14 7.42 -18.67
CA ALA A 24 20.41 7.08 -19.89
C ALA A 24 21.30 6.43 -20.91
N SER A 25 20.74 5.48 -21.67
CA SER A 25 21.44 4.91 -22.82
C SER A 25 20.39 4.54 -23.87
N GLY A 26 20.86 4.42 -25.11
CA GLY A 26 19.98 4.00 -26.18
C GLY A 26 19.25 5.13 -26.89
N TYR A 27 19.52 6.38 -26.49
CA TYR A 27 18.96 7.58 -27.14
C TYR A 27 19.85 8.73 -26.71
N THR A 28 19.65 9.93 -27.27
CA THR A 28 20.46 11.09 -26.94
C THR A 28 19.84 11.72 -25.70
N PHE A 29 20.58 11.64 -24.57
CA PHE A 29 20.11 12.10 -23.26
C PHE A 29 19.52 13.49 -23.30
N THR A 30 20.17 14.42 -24.02
CA THR A 30 19.71 15.82 -24.04
C THR A 30 18.47 16.08 -24.88
N SER A 31 17.92 15.05 -25.53
CA SER A 31 16.74 15.25 -26.36
C SER A 31 15.42 15.18 -25.63
N SER A 32 15.42 14.77 -24.36
CA SER A 32 14.15 14.57 -23.62
C SER A 32 14.30 15.01 -22.19
N TYR A 33 13.19 15.44 -21.57
CA TYR A 33 13.16 15.75 -20.14
C TYR A 33 13.44 14.51 -19.35
N ILE A 34 13.80 14.70 -18.08
CA ILE A 34 13.83 13.56 -17.15
C ILE A 34 12.84 13.93 -16.07
N ASN A 35 11.85 13.06 -15.82
CA ASN A 35 10.85 13.28 -14.79
C ASN A 35 11.21 12.39 -13.62
N TRP A 36 10.87 12.84 -12.41
CA TRP A 36 11.09 12.05 -11.19
C TRP A 36 9.75 11.78 -10.51
N VAL A 37 9.55 10.52 -10.04
CA VAL A 37 8.28 10.10 -9.45
C VAL A 37 8.63 9.15 -8.31
N ARG A 38 7.82 9.10 -7.27
CA ARG A 38 8.09 8.14 -6.20
C ARG A 38 6.83 7.36 -5.88
N GLN A 39 6.99 6.24 -5.13
CA GLN A 39 5.83 5.42 -4.82
C GLN A 39 6.11 4.77 -3.50
N ALA A 40 5.34 5.16 -2.46
CA ALA A 40 5.47 4.57 -1.14
C ALA A 40 4.89 3.10 -1.24
N PRO A 41 5.41 2.16 -0.41
CA PRO A 41 4.93 0.75 -0.49
C PRO A 41 3.42 0.62 -0.41
N GLY A 42 2.84 -0.02 -1.42
CA GLY A 42 1.38 -0.22 -1.51
C GLY A 42 0.57 1.02 -1.83
N GLN A 43 1.25 2.10 -2.20
CA GLN A 43 0.61 3.37 -2.51
C GLN A 43 0.82 3.73 -3.98
N GLY A 44 0.33 4.90 -4.38
CA GLY A 44 0.36 5.30 -5.78
C GLY A 44 1.58 6.07 -6.20
N LEU A 45 1.62 6.39 -7.50
CA LEU A 45 2.71 7.15 -8.08
C LEU A 45 2.54 8.61 -7.72
N GLU A 46 3.63 9.28 -7.32
CA GLU A 46 3.59 10.70 -6.95
C GLU A 46 4.66 11.43 -7.71
N TRP A 47 4.24 12.45 -8.46
CA TRP A 47 5.22 13.24 -9.23
C TRP A 47 6.09 14.12 -8.32
N MET A 48 7.42 14.17 -8.61
CA MET A 48 8.33 15.01 -7.82
C MET A 48 8.85 16.23 -8.56
N GLY A 49 9.03 16.12 -9.87
CA GLY A 49 9.62 17.21 -10.63
C GLY A 49 10.16 16.76 -11.96
N THR A 50 10.62 17.75 -12.74
CA THR A 50 11.16 17.53 -14.08
C THR A 50 12.44 18.33 -14.22
N ILE A 51 13.39 17.80 -14.97
CA ILE A 51 14.61 18.55 -15.29
C ILE A 51 14.75 18.58 -16.81
N ASN A 52 15.22 19.71 -17.34
CA ASN A 52 15.55 19.86 -18.77
C ASN A 52 17.03 19.48 -18.88
N PRO A 53 17.39 18.40 -19.59
CA PRO A 53 18.79 17.96 -19.60
C PRO A 53 19.74 18.87 -20.38
N VAL A 54 19.20 19.75 -21.23
CA VAL A 54 20.05 20.70 -21.97
C VAL A 54 20.54 21.82 -21.02
N SER A 55 19.60 22.55 -20.41
CA SER A 55 19.93 23.70 -19.55
C SER A 55 20.19 23.31 -18.10
N GLY A 56 19.52 22.26 -17.64
CA GLY A 56 19.55 21.87 -16.23
C GLY A 56 18.41 22.55 -15.49
N SER A 57 17.56 23.31 -16.20
CA SER A 57 16.43 24.00 -15.55
C SER A 57 15.48 23.00 -14.92
N THR A 58 14.91 23.36 -13.76
CA THR A 58 14.07 22.43 -12.99
C THR A 58 12.68 22.95 -12.69
N SER A 59 11.74 22.02 -12.43
CA SER A 59 10.41 22.29 -11.92
C SER A 59 10.21 21.31 -10.81
N TYR A 60 9.97 21.80 -9.59
CA TYR A 60 9.78 20.93 -8.41
C TYR A 60 8.32 20.92 -7.97
N ALA A 61 7.82 19.72 -7.60
CA ALA A 61 6.46 19.57 -7.09
C ALA A 61 6.36 20.36 -5.80
N GLN A 62 5.21 21.07 -5.60
CA GLN A 62 5.00 21.91 -4.40
C GLN A 62 5.31 21.17 -3.07
N LYS A 63 4.93 19.89 -2.99
CA LYS A 63 5.08 19.06 -1.77
C LYS A 63 6.57 18.97 -1.31
N PHE A 64 7.51 19.00 -2.28
CA PHE A 64 8.94 18.82 -2.02
C PHE A 64 9.78 20.07 -2.11
N GLN A 65 9.20 21.21 -2.59
CA GLN A 65 9.96 22.44 -2.69
C GLN A 65 10.59 22.80 -1.35
N GLY A 66 11.88 23.05 -1.37
CA GLY A 66 12.64 23.38 -0.18
C GLY A 66 13.62 22.30 0.21
N ARG A 67 13.39 21.04 -0.25
CA ARG A 67 14.28 19.98 0.17
C ARG A 67 14.58 18.95 -0.93
N VAL A 68 14.18 19.24 -2.17
CA VAL A 68 14.51 18.38 -3.30
C VAL A 68 15.38 19.17 -4.26
N THR A 69 16.43 18.50 -4.77
CA THR A 69 17.32 19.09 -5.78
C THR A 69 17.41 18.14 -6.98
N MET A 70 17.37 18.69 -8.19
CA MET A 70 17.57 17.87 -9.39
C MET A 70 18.65 18.52 -10.20
N THR A 71 19.63 17.69 -10.59
CA THR A 71 20.74 18.14 -11.42
C THR A 71 21.01 17.14 -12.51
N ARG A 72 21.93 17.48 -13.43
CA ARG A 72 22.32 16.51 -14.44
C ARG A 72 23.74 16.78 -14.84
N ASP A 73 24.40 15.74 -15.31
CA ASP A 73 25.77 15.81 -15.84
C ASP A 73 25.65 15.25 -17.24
N THR A 74 25.64 16.15 -18.26
CA THR A 74 25.43 15.63 -19.63
C THR A 74 26.62 14.84 -20.15
N SER A 75 27.81 15.07 -19.60
CA SER A 75 29.03 14.36 -20.05
C SER A 75 28.91 12.85 -19.85
N ILE A 76 28.08 12.43 -18.88
CA ILE A 76 27.86 11.00 -18.61
C ILE A 76 26.37 10.64 -18.70
N SER A 77 25.56 11.50 -19.35
CA SER A 77 24.12 11.25 -19.60
C SER A 77 23.41 10.82 -18.32
N THR A 78 23.70 11.53 -17.20
CA THR A 78 23.12 11.18 -15.90
C THR A 78 22.34 12.31 -15.27
N ALA A 79 21.13 12.00 -14.72
CA ALA A 79 20.30 12.93 -13.96
C ALA A 79 20.37 12.48 -12.49
N TYR A 80 20.31 13.45 -11.58
CA TYR A 80 20.34 13.12 -10.15
C TYR A 80 19.19 13.75 -9.43
N MET A 81 18.71 13.07 -8.39
CA MET A 81 17.64 13.62 -7.55
C MET A 81 18.11 13.46 -6.12
N GLU A 82 18.22 14.58 -5.39
CA GLU A 82 18.63 14.51 -3.98
C GLU A 82 17.51 15.04 -3.11
N LEU A 83 17.09 14.19 -2.16
CA LEU A 83 15.98 14.54 -1.26
C LEU A 83 16.56 14.63 0.15
N SER A 84 16.42 15.80 0.77
CA SER A 84 17.00 16.04 2.06
C SER A 84 16.00 16.03 3.21
N ARG A 85 16.53 16.01 4.45
CA ARG A 85 15.71 15.99 5.68
C ARG A 85 14.63 14.91 5.59
N LEU A 86 15.10 13.67 5.31
CA LEU A 86 14.20 12.54 5.14
C LEU A 86 13.36 12.26 6.37
N ARG A 87 12.10 11.86 6.12
CA ARG A 87 11.15 11.46 7.14
C ARG A 87 10.82 9.99 6.90
N SER A 88 10.23 9.32 7.91
CA SER A 88 9.73 7.94 7.72
C SER A 88 8.83 7.82 6.52
N ASP A 89 7.94 8.81 6.27
CA ASP A 89 7.01 8.75 5.14
C ASP A 89 7.63 9.11 3.79
N ASP A 90 8.96 9.27 3.74
CA ASP A 90 9.69 9.40 2.48
C ASP A 90 10.11 7.99 2.01
N THR A 91 9.84 6.95 2.82
CA THR A 91 10.17 5.57 2.42
C THR A 91 9.37 5.27 1.13
N ALA A 92 10.08 4.94 0.05
CA ALA A 92 9.45 4.75 -1.26
C ALA A 92 10.44 4.22 -2.27
N VAL A 93 9.90 3.78 -3.43
CA VAL A 93 10.76 3.48 -4.59
C VAL A 93 10.76 4.79 -5.37
N TYR A 94 11.96 5.30 -5.74
CA TYR A 94 12.11 6.56 -6.48
C TYR A 94 12.43 6.20 -7.91
N TYR A 95 11.68 6.75 -8.87
CA TYR A 95 11.88 6.45 -10.29
C TYR A 95 12.24 7.67 -11.06
N CYS A 96 13.02 7.46 -12.13
CA CYS A 96 13.17 8.52 -13.14
C CYS A 96 12.43 7.95 -14.36
N ALA A 97 12.01 8.83 -15.27
CA ALA A 97 11.30 8.44 -16.48
C ALA A 97 11.59 9.43 -17.57
N ARG A 98 11.56 8.95 -18.81
CA ARG A 98 11.94 9.76 -19.95
C ARG A 98 10.82 10.58 -20.51
N GLY A 99 11.13 11.86 -20.78
CA GLY A 99 10.21 12.77 -21.47
C GLY A 99 8.94 13.15 -20.76
N GLY A 100 8.17 14.03 -21.42
CA GLY A 100 6.91 14.48 -20.85
C GLY A 100 5.86 13.38 -20.77
N TRP A 101 6.02 12.34 -21.58
CA TRP A 101 5.05 11.22 -21.59
C TRP A 101 5.45 10.06 -20.66
N PHE A 102 6.65 10.16 -20.00
CA PHE A 102 7.22 9.10 -19.11
C PHE A 102 7.15 7.79 -19.92
N ASP A 103 7.72 7.77 -21.12
CA ASP A 103 7.53 6.61 -22.00
C ASP A 103 8.46 5.45 -21.67
N TYR A 104 9.53 5.70 -20.94
CA TYR A 104 10.41 4.64 -20.40
C TYR A 104 10.69 5.03 -18.98
N TRP A 105 10.69 4.05 -18.09
CA TRP A 105 10.98 4.32 -16.68
C TRP A 105 12.24 3.58 -16.27
N GLY A 106 12.98 4.18 -15.32
CA GLY A 106 14.10 3.47 -14.69
C GLY A 106 13.58 2.31 -13.83
N GLN A 107 14.47 1.44 -13.36
CA GLN A 107 14.05 0.27 -12.60
C GLN A 107 13.60 0.64 -11.21
N GLY A 108 13.88 1.88 -10.78
CA GLY A 108 13.51 2.33 -9.45
C GLY A 108 14.64 2.14 -8.45
N THR A 109 14.69 3.03 -7.44
CA THR A 109 15.66 2.96 -6.35
C THR A 109 14.87 2.93 -5.05
N LEU A 110 14.98 1.83 -4.30
CA LEU A 110 14.27 1.76 -3.02
C LEU A 110 15.03 2.55 -1.99
N VAL A 111 14.36 3.48 -1.34
CA VAL A 111 14.94 4.24 -0.24
C VAL A 111 14.05 4.02 0.97
N THR A 112 14.59 3.43 2.02
CA THR A 112 13.82 3.23 3.26
C THR A 112 14.38 4.22 4.27
N VAL A 113 13.49 4.92 4.98
CA VAL A 113 13.93 5.89 5.98
C VAL A 113 13.46 5.33 7.32
N SER A 114 14.41 4.93 8.16
CA SER A 114 14.10 4.27 9.42
C SER A 114 15.25 4.40 10.38
N SER A 115 14.94 4.33 11.66
CA SER A 115 15.96 4.27 12.72
C SER A 115 15.79 2.94 13.46
N ALA A 116 14.90 2.03 12.95
CA ALA A 116 14.62 0.75 13.62
C ALA A 116 15.84 -0.12 13.76
N SER A 117 15.95 -0.77 14.91
CA SER A 117 17.01 -1.74 15.13
C SER A 117 16.37 -2.97 15.76
N THR A 118 17.10 -4.05 15.86
CA THR A 118 16.58 -5.33 16.38
C THR A 118 15.81 -5.15 17.69
N LYS A 119 14.57 -5.65 17.71
CA LYS A 119 13.71 -5.54 18.88
C LYS A 119 12.73 -6.70 18.90
N GLY A 120 12.62 -7.31 20.07
CA GLY A 120 11.69 -8.42 20.26
C GLY A 120 10.26 -7.94 20.47
N PRO A 121 9.25 -8.76 20.19
CA PRO A 121 7.87 -8.32 20.33
C PRO A 121 7.32 -8.36 21.74
N SER A 122 6.21 -7.65 21.94
CA SER A 122 5.39 -7.73 23.15
C SER A 122 4.17 -8.48 22.67
N VAL A 123 3.71 -9.49 23.42
CA VAL A 123 2.60 -10.33 22.95
C VAL A 123 1.38 -10.14 23.87
N PHE A 124 0.19 -9.95 23.28
CA PHE A 124 -1.03 -9.76 24.06
C PHE A 124 -2.10 -10.76 23.62
N PRO A 125 -2.90 -11.28 24.58
CA PRO A 125 -3.94 -12.26 24.20
C PRO A 125 -5.13 -11.55 23.57
N LEU A 126 -5.75 -12.18 22.58
CA LEU A 126 -6.95 -11.65 21.90
C LEU A 126 -8.05 -12.64 22.28
N ALA A 127 -8.71 -12.34 23.41
CA ALA A 127 -9.72 -13.20 24.04
C ALA A 127 -10.93 -13.47 23.15
N PRO A 128 -11.42 -14.73 23.05
CA PRO A 128 -12.61 -14.99 22.25
C PRO A 128 -13.88 -14.43 22.89
N THR A 137 -18.72 -21.30 16.24
CA THR A 137 -17.27 -21.23 16.45
C THR A 137 -16.86 -19.90 17.05
N ALA A 138 -15.68 -19.85 17.70
CA ALA A 138 -15.15 -18.64 18.32
C ALA A 138 -13.76 -18.34 17.76
N ALA A 139 -13.43 -17.06 17.65
CA ALA A 139 -12.14 -16.58 17.15
C ALA A 139 -11.35 -16.01 18.32
N LEU A 140 -10.16 -16.54 18.54
CA LEU A 140 -9.26 -16.06 19.58
C LEU A 140 -7.89 -15.90 18.92
N GLY A 141 -7.00 -15.14 19.54
CA GLY A 141 -5.70 -14.96 18.91
C GLY A 141 -4.63 -14.36 19.78
N CYS A 142 -3.52 -13.94 19.14
CA CYS A 142 -2.40 -13.27 19.81
C CYS A 142 -1.97 -12.10 18.97
N LEU A 143 -1.83 -10.94 19.61
CA LEU A 143 -1.34 -9.70 19.01
C LEU A 143 0.16 -9.66 19.27
N VAL A 144 0.96 -9.57 18.20
CA VAL A 144 2.43 -9.58 18.33
C VAL A 144 2.91 -8.18 17.94
N LYS A 145 3.20 -7.35 18.94
CA LYS A 145 3.47 -5.93 18.73
C LYS A 145 4.92 -5.53 18.72
N ASP A 146 5.25 -4.62 17.77
CA ASP A 146 6.48 -3.84 17.77
C ASP A 146 7.75 -4.65 17.83
N TYR A 147 8.01 -5.38 16.75
CA TYR A 147 9.26 -6.15 16.62
C TYR A 147 10.00 -5.69 15.37
N PHE A 148 11.28 -6.03 15.28
CA PHE A 148 12.05 -5.69 14.08
C PHE A 148 13.31 -6.53 14.07
N PRO A 149 13.78 -7.01 12.89
CA PRO A 149 13.09 -7.02 11.60
C PRO A 149 12.21 -8.25 11.54
N GLU A 150 11.72 -8.60 10.35
CA GLU A 150 10.96 -9.81 10.20
C GLU A 150 11.90 -11.01 10.34
N PRO A 151 11.41 -12.26 10.54
CA PRO A 151 10.01 -12.68 10.72
C PRO A 151 9.69 -13.04 12.17
N VAL A 152 8.41 -13.21 12.43
CA VAL A 152 7.92 -13.80 13.67
C VAL A 152 7.19 -15.05 13.18
N THR A 153 7.35 -16.17 13.88
CA THR A 153 6.57 -17.39 13.60
C THR A 153 5.65 -17.55 14.80
N VAL A 154 4.45 -18.07 14.56
CA VAL A 154 3.50 -18.30 15.65
C VAL A 154 2.98 -19.74 15.51
N SER A 155 3.02 -20.53 16.58
CA SER A 155 2.41 -21.86 16.59
C SER A 155 1.35 -21.82 17.69
N TRP A 156 0.44 -22.80 17.73
CA TRP A 156 -0.56 -22.84 18.78
C TRP A 156 -0.45 -24.20 19.44
N ASN A 157 -0.45 -24.20 20.78
CA ASN A 157 -0.30 -25.42 21.60
C ASN A 157 0.93 -26.25 21.18
N SER A 158 2.08 -25.56 21.00
CA SER A 158 3.39 -26.11 20.63
C SER A 158 3.34 -26.91 19.33
N GLY A 159 2.41 -26.54 18.44
CA GLY A 159 2.24 -27.18 17.16
C GLY A 159 1.09 -28.17 17.07
N ALA A 160 0.44 -28.48 18.22
CA ALA A 160 -0.71 -29.41 18.32
C ALA A 160 -1.95 -28.89 17.64
N LEU A 161 -2.10 -27.55 17.60
CA LEU A 161 -3.26 -26.92 16.98
C LEU A 161 -2.82 -26.23 15.69
N THR A 162 -3.28 -26.77 14.55
CA THR A 162 -2.97 -26.30 13.19
C THR A 162 -4.22 -25.91 12.42
N SER A 163 -5.32 -26.67 12.61
CA SER A 163 -6.59 -26.40 11.94
C SER A 163 -7.22 -25.09 12.40
N GLY A 164 -7.66 -24.27 11.45
CA GLY A 164 -8.30 -22.99 11.73
C GLY A 164 -7.33 -21.88 12.11
N VAL A 165 -6.01 -22.15 12.06
CA VAL A 165 -5.01 -21.12 12.39
C VAL A 165 -4.79 -20.21 11.18
N HIS A 166 -4.76 -18.89 11.39
CA HIS A 166 -4.42 -17.94 10.34
C HIS A 166 -3.50 -16.90 10.95
N THR A 167 -2.21 -16.94 10.58
CA THR A 167 -1.26 -15.92 11.04
C THR A 167 -1.19 -14.94 9.90
N PHE A 168 -1.54 -13.69 10.19
CA PHE A 168 -1.63 -12.64 9.18
C PHE A 168 -0.28 -12.06 8.84
N PRO A 169 -0.07 -11.63 7.58
CA PRO A 169 1.16 -10.91 7.26
C PRO A 169 1.26 -9.67 8.15
N ALA A 170 2.48 -9.29 8.50
CA ALA A 170 2.73 -8.16 9.39
C ALA A 170 2.43 -6.82 8.76
N VAL A 171 2.12 -5.86 9.60
CA VAL A 171 1.99 -4.45 9.19
C VAL A 171 3.33 -3.79 9.50
N LEU A 172 3.88 -3.01 8.55
CA LEU A 172 5.10 -2.26 8.80
C LEU A 172 4.61 -0.87 9.11
N GLN A 173 4.73 -0.51 10.39
CA GLN A 173 4.21 0.73 10.96
C GLN A 173 5.03 1.95 10.65
N SER A 174 4.44 3.16 10.82
CA SER A 174 5.14 4.43 10.60
C SER A 174 6.32 4.58 11.56
N SER A 175 6.29 3.88 12.74
CA SER A 175 7.38 3.86 13.71
C SER A 175 8.60 3.09 13.16
N GLY A 176 8.41 2.30 12.11
CA GLY A 176 9.47 1.48 11.56
C GLY A 176 9.48 0.06 12.12
N LEU A 177 8.55 -0.24 13.04
CA LEU A 177 8.46 -1.56 13.64
C LEU A 177 7.31 -2.34 13.05
N TYR A 178 7.37 -3.68 13.15
CA TYR A 178 6.30 -4.51 12.63
C TYR A 178 5.36 -4.96 13.73
N SER A 179 4.13 -5.31 13.35
CA SER A 179 3.16 -5.99 14.24
C SER A 179 2.41 -6.96 13.42
N LEU A 180 1.99 -8.06 14.04
CA LEU A 180 1.13 -9.03 13.35
C LEU A 180 0.16 -9.62 14.34
N SER A 181 -0.85 -10.36 13.84
CA SER A 181 -1.79 -11.07 14.69
C SER A 181 -1.92 -12.46 14.15
N SER A 182 -2.13 -13.42 15.04
CA SER A 182 -2.37 -14.81 14.66
C SER A 182 -3.71 -15.15 15.31
N VAL A 183 -4.64 -15.69 14.53
CA VAL A 183 -6.00 -15.99 15.02
C VAL A 183 -6.30 -17.45 14.79
N VAL A 184 -7.10 -18.08 15.68
CA VAL A 184 -7.50 -19.45 15.48
C VAL A 184 -9.01 -19.55 15.70
N THR A 185 -9.72 -20.22 14.76
CA THR A 185 -11.16 -20.43 14.88
C THR A 185 -11.35 -21.80 15.49
N VAL A 186 -12.04 -21.86 16.62
CA VAL A 186 -12.22 -23.09 17.39
C VAL A 186 -13.70 -23.34 17.69
N PRO A 187 -14.14 -24.59 17.97
CA PRO A 187 -15.54 -24.78 18.39
C PRO A 187 -15.75 -24.04 19.71
N SER A 188 -16.82 -23.23 19.79
CA SER A 188 -17.18 -22.44 20.97
C SER A 188 -17.45 -23.29 22.22
N SER A 189 -17.79 -24.58 22.03
CA SER A 189 -18.07 -25.55 23.09
C SER A 189 -16.82 -25.90 23.90
N SER A 190 -15.63 -25.80 23.27
CA SER A 190 -14.33 -26.10 23.87
C SER A 190 -13.73 -24.98 24.75
N LEU A 191 -14.22 -23.72 24.63
CA LEU A 191 -13.66 -22.56 25.34
C LEU A 191 -13.48 -22.75 26.86
N GLY A 192 -14.47 -23.34 27.53
CA GLY A 192 -14.40 -23.60 28.96
C GLY A 192 -13.46 -24.71 29.39
N THR A 193 -13.18 -25.68 28.49
CA THR A 193 -12.34 -26.84 28.83
C THR A 193 -10.94 -26.86 28.21
N GLN A 194 -10.77 -26.39 26.95
CA GLN A 194 -9.50 -26.40 26.23
C GLN A 194 -8.63 -25.16 26.50
N THR A 195 -7.35 -25.39 26.80
CA THR A 195 -6.34 -24.36 27.03
C THR A 195 -5.78 -23.95 25.64
N TYR A 196 -5.63 -22.64 25.39
CA TYR A 196 -5.05 -22.15 24.14
C TYR A 196 -3.85 -21.28 24.44
N ILE A 197 -2.67 -21.71 23.98
CA ILE A 197 -1.42 -20.98 24.16
C ILE A 197 -0.78 -20.70 22.79
N CYS A 198 -0.49 -19.46 22.49
CA CYS A 198 0.27 -19.18 21.26
C CYS A 198 1.75 -19.13 21.62
N ASN A 199 2.60 -19.62 20.72
CA ASN A 199 4.05 -19.66 20.94
C ASN A 199 4.68 -18.80 19.88
N VAL A 200 5.14 -17.60 20.27
CA VAL A 200 5.71 -16.62 19.33
C VAL A 200 7.23 -16.72 19.34
N ASN A 201 7.84 -16.75 18.16
CA ASN A 201 9.29 -16.83 18.09
C ASN A 201 9.80 -15.72 17.21
N HIS A 202 10.78 -14.95 17.71
CA HIS A 202 11.41 -13.89 16.93
C HIS A 202 12.90 -14.16 16.98
N LYS A 203 13.40 -15.00 16.04
CA LYS A 203 14.82 -15.39 16.00
C LYS A 203 15.80 -14.21 15.94
N PRO A 204 15.53 -13.09 15.22
CA PRO A 204 16.55 -12.01 15.19
C PRO A 204 16.92 -11.44 16.56
N SER A 205 15.96 -11.40 17.50
CA SER A 205 16.21 -10.87 18.85
C SER A 205 16.37 -11.98 19.88
N ASN A 206 16.27 -13.24 19.42
CA ASN A 206 16.31 -14.41 20.28
C ASN A 206 15.25 -14.32 21.39
N THR A 207 14.01 -13.95 20.99
CA THR A 207 12.87 -13.82 21.90
C THR A 207 11.86 -14.92 21.59
N LYS A 208 11.31 -15.55 22.64
CA LYS A 208 10.27 -16.58 22.48
C LYS A 208 9.24 -16.24 23.54
N VAL A 209 7.95 -16.19 23.17
CA VAL A 209 6.91 -15.86 24.14
C VAL A 209 5.84 -16.91 24.08
N ASP A 210 5.37 -17.37 25.26
CA ASP A 210 4.20 -18.25 25.29
C ASP A 210 3.15 -17.46 25.98
N LYS A 211 1.97 -17.30 25.35
CA LYS A 211 0.91 -16.51 25.95
C LYS A 211 -0.38 -17.33 26.02
N LYS A 212 -0.94 -17.55 27.22
CA LYS A 212 -2.22 -18.24 27.35
C LYS A 212 -3.34 -17.28 26.97
N VAL A 213 -4.30 -17.75 26.16
CA VAL A 213 -5.45 -16.93 25.75
C VAL A 213 -6.70 -17.47 26.46
N GLU A 214 -7.15 -16.78 27.51
CA GLU A 214 -8.32 -17.13 28.32
C GLU A 214 -9.61 -16.58 27.69
N PRO A 215 -10.77 -17.30 27.78
CA PRO A 215 -12.03 -16.72 27.26
C PRO A 215 -12.42 -15.49 28.08
N LYS A 216 -13.01 -14.48 27.39
CA LYS A 216 -13.45 -13.21 27.99
C LYS A 216 -14.50 -13.54 29.05
N SER A 217 -14.05 -13.65 30.32
CA SER A 217 -14.84 -14.03 31.48
C SER A 217 -16.21 -13.37 31.55
N GLU A 218 -17.26 -14.19 31.69
CA GLU A 218 -18.64 -13.69 31.84
C GLU A 218 -18.75 -13.17 33.27
N PHE A 219 -19.06 -11.87 33.39
CA PHE A 219 -19.18 -11.15 34.67
C PHE A 219 -17.89 -11.23 35.48
N SER B 2 -4.05 19.80 -9.76
CA SER B 2 -5.31 19.24 -9.31
C SER B 2 -5.32 17.71 -9.43
N ALA B 3 -6.00 17.04 -8.49
CA ALA B 3 -6.07 15.58 -8.40
C ALA B 3 -6.83 14.89 -9.53
N LEU B 4 -6.43 13.66 -9.84
CA LEU B 4 -7.11 12.82 -10.84
C LEU B 4 -7.68 11.68 -10.07
N THR B 5 -9.00 11.44 -10.25
CA THR B 5 -9.71 10.42 -9.51
C THR B 5 -9.97 9.18 -10.34
N GLN B 6 -9.53 8.06 -9.84
CA GLN B 6 -9.73 6.74 -10.47
C GLN B 6 -10.54 5.85 -9.52
N PRO B 7 -11.30 4.85 -10.01
CA PRO B 7 -11.92 3.90 -9.07
C PRO B 7 -10.80 3.10 -8.38
N ALA B 8 -10.98 2.71 -7.11
CA ALA B 8 -9.93 1.97 -6.41
C ALA B 8 -9.67 0.61 -7.07
N SER B 9 -10.72 -0.03 -7.61
CA SER B 9 -10.59 -1.34 -8.23
C SER B 9 -11.66 -1.68 -9.23
N VAL B 10 -11.28 -2.45 -10.24
CA VAL B 10 -12.17 -2.89 -11.31
C VAL B 10 -11.87 -4.35 -11.56
N SER B 11 -12.86 -5.09 -12.04
CA SER B 11 -12.57 -6.50 -12.33
C SER B 11 -13.42 -7.01 -13.49
N GLY B 12 -12.95 -8.05 -14.16
CA GLY B 12 -13.66 -8.67 -15.26
C GLY B 12 -13.12 -10.05 -15.49
N SER B 13 -13.89 -10.89 -16.19
CA SER B 13 -13.53 -12.27 -16.48
C SER B 13 -12.73 -12.35 -17.77
N PRO B 14 -11.90 -13.38 -18.01
CA PRO B 14 -11.17 -13.48 -19.29
C PRO B 14 -12.10 -13.31 -20.51
N GLY B 15 -11.63 -12.60 -21.54
CA GLY B 15 -12.39 -12.34 -22.77
C GLY B 15 -13.31 -11.13 -22.74
N GLN B 16 -13.64 -10.63 -21.54
CA GLN B 16 -14.55 -9.49 -21.36
C GLN B 16 -13.82 -8.18 -21.59
N SER B 17 -14.59 -7.08 -21.69
CA SER B 17 -14.05 -5.72 -21.83
C SER B 17 -14.29 -4.97 -20.54
N ILE B 18 -13.34 -4.10 -20.15
CA ILE B 18 -13.46 -3.30 -18.94
C ILE B 18 -12.98 -1.88 -19.24
N THR B 19 -13.47 -0.92 -18.47
CA THR B 19 -13.10 0.49 -18.61
C THR B 19 -12.68 1.02 -17.25
N ILE B 20 -11.59 1.81 -17.27
CA ILE B 20 -11.06 2.47 -16.08
C ILE B 20 -11.18 3.97 -16.31
N SER B 21 -11.84 4.67 -15.40
CA SER B 21 -12.02 6.13 -15.55
C SER B 21 -10.95 6.92 -14.81
N CYS B 22 -10.72 8.17 -15.24
CA CYS B 22 -9.74 9.07 -14.66
C CYS B 22 -10.37 10.44 -14.76
N THR B 23 -10.91 10.93 -13.65
CA THR B 23 -11.62 12.22 -13.63
C THR B 23 -10.78 13.33 -13.03
N GLY B 24 -10.66 14.41 -13.80
CA GLY B 24 -9.97 15.62 -13.39
C GLY B 24 -10.97 16.76 -13.34
N THR B 25 -10.56 17.94 -13.79
CA THR B 25 -11.43 19.13 -13.88
C THR B 25 -11.35 19.72 -15.30
N SER B 26 -12.18 20.74 -15.60
CA SER B 26 -12.22 21.39 -16.91
C SER B 26 -10.90 22.07 -17.27
N SER B 27 -10.09 22.39 -16.27
CA SER B 27 -8.82 23.08 -16.36
C SER B 27 -7.65 22.13 -16.73
N ASP B 28 -7.81 20.81 -16.52
CA ASP B 28 -6.74 19.86 -16.82
C ASP B 28 -7.19 18.85 -17.88
N VAL B 29 -7.86 17.74 -17.48
CA VAL B 29 -8.37 16.72 -18.39
C VAL B 29 -9.33 17.35 -19.43
N GLY B 30 -10.15 18.29 -18.99
CA GLY B 30 -11.12 18.96 -19.86
C GLY B 30 -10.53 19.92 -20.87
N SER B 31 -9.25 20.29 -20.71
CA SER B 31 -8.56 21.26 -21.59
C SER B 31 -7.46 20.71 -22.48
N TYR B 32 -6.77 19.63 -22.05
CA TYR B 32 -5.63 19.14 -22.85
C TYR B 32 -5.72 17.68 -23.22
N ASN B 33 -5.21 17.32 -24.40
CA ASN B 33 -5.17 15.92 -24.87
C ASN B 33 -3.85 15.29 -24.41
N TYR B 34 -3.60 15.32 -23.11
CA TYR B 34 -2.32 14.90 -22.57
C TYR B 34 -2.43 13.84 -21.47
N VAL B 35 -3.54 13.08 -21.44
CA VAL B 35 -3.75 12.08 -20.38
C VAL B 35 -3.13 10.78 -20.83
N ASN B 36 -2.33 10.17 -19.94
CA ASN B 36 -1.58 8.95 -20.27
C ASN B 36 -1.96 7.85 -19.31
N TRP B 37 -1.74 6.58 -19.71
CA TRP B 37 -2.10 5.43 -18.88
C TRP B 37 -0.90 4.54 -18.76
N TYR B 38 -0.62 4.09 -17.54
CA TYR B 38 0.53 3.23 -17.22
C TYR B 38 0.06 1.97 -16.58
N GLN B 39 0.69 0.87 -16.94
CA GLN B 39 0.39 -0.44 -16.36
C GLN B 39 1.53 -0.79 -15.42
N GLN B 40 1.21 -1.29 -14.24
CA GLN B 40 2.30 -1.65 -13.35
C GLN B 40 2.05 -3.02 -12.72
N HIS B 41 2.94 -3.97 -13.02
CA HIS B 41 2.85 -5.33 -12.45
C HIS B 41 3.53 -5.32 -11.09
N PRO B 42 3.18 -6.26 -10.18
CA PRO B 42 3.85 -6.28 -8.86
C PRO B 42 5.37 -6.33 -8.93
N GLY B 43 6.01 -5.44 -8.19
CA GLY B 43 7.47 -5.34 -8.11
C GLY B 43 8.16 -4.90 -9.38
N LYS B 44 7.40 -4.33 -10.33
CA LYS B 44 7.93 -3.87 -11.62
C LYS B 44 7.71 -2.38 -11.78
N ALA B 45 8.51 -1.76 -12.66
CA ALA B 45 8.37 -0.34 -12.96
C ALA B 45 7.13 -0.14 -13.85
N PRO B 46 6.49 1.04 -13.81
CA PRO B 46 5.34 1.26 -14.72
C PRO B 46 5.78 1.19 -16.19
N LYS B 47 4.80 0.90 -17.04
CA LYS B 47 4.95 0.81 -18.49
C LYS B 47 3.89 1.68 -19.14
N LEU B 48 4.32 2.49 -20.09
CA LEU B 48 3.38 3.38 -20.80
C LEU B 48 2.52 2.54 -21.77
N MET B 49 1.20 2.65 -21.64
CA MET B 49 0.23 1.92 -22.47
C MET B 49 -0.42 2.82 -23.50
N ILE B 50 -0.84 4.02 -23.07
CA ILE B 50 -1.51 4.99 -23.94
C ILE B 50 -0.95 6.36 -23.57
N TYR B 51 -0.71 7.23 -24.55
CA TYR B 51 -0.29 8.62 -24.25
C TYR B 51 -1.14 9.54 -25.08
N GLY B 52 -1.22 10.82 -24.72
CA GLY B 52 -1.97 11.78 -25.53
C GLY B 52 -3.42 11.36 -25.71
N VAL B 53 -4.03 10.85 -24.62
CA VAL B 53 -5.42 10.38 -24.53
C VAL B 53 -5.68 9.04 -25.25
N SER B 54 -5.24 8.89 -26.51
CA SER B 54 -5.62 7.73 -27.32
C SER B 54 -4.51 7.05 -28.11
N LYS B 55 -3.28 7.56 -28.03
CA LYS B 55 -2.19 7.01 -28.84
C LYS B 55 -1.48 5.88 -28.16
N ARG B 56 -1.14 4.84 -28.92
CA ARG B 56 -0.47 3.66 -28.42
C ARG B 56 0.99 3.68 -28.85
N PRO B 57 1.94 3.46 -27.93
CA PRO B 57 3.33 3.32 -28.35
C PRO B 57 3.43 2.02 -29.16
N SER B 58 4.41 1.96 -30.04
CA SER B 58 4.68 0.80 -30.88
C SER B 58 4.84 -0.44 -30.01
N GLY B 59 4.17 -1.52 -30.38
CA GLY B 59 4.32 -2.73 -29.56
C GLY B 59 3.26 -2.95 -28.50
N VAL B 60 2.44 -1.91 -28.19
CA VAL B 60 1.36 -2.08 -27.21
C VAL B 60 0.18 -2.73 -27.94
N SER B 61 -0.43 -3.75 -27.32
CA SER B 61 -1.57 -4.49 -27.86
C SER B 61 -2.73 -3.54 -28.23
N ASN B 62 -3.38 -3.75 -29.40
CA ASN B 62 -4.54 -2.93 -29.81
C ASN B 62 -5.78 -3.21 -28.93
N ARG B 63 -5.64 -4.14 -27.95
CA ARG B 63 -6.69 -4.40 -26.96
C ARG B 63 -6.78 -3.23 -25.98
N PHE B 64 -5.72 -2.41 -25.94
CA PHE B 64 -5.73 -1.23 -25.07
C PHE B 64 -6.10 -0.01 -25.88
N SER B 65 -7.05 0.78 -25.40
CA SER B 65 -7.39 2.01 -26.11
C SER B 65 -7.75 3.07 -25.11
N GLY B 66 -7.65 4.33 -25.52
CA GLY B 66 -7.99 5.43 -24.65
C GLY B 66 -8.93 6.42 -25.27
N SER B 67 -9.73 7.06 -24.45
CA SER B 67 -10.66 8.08 -24.90
C SER B 67 -10.85 9.11 -23.81
N LYS B 68 -11.62 10.15 -24.12
CA LYS B 68 -11.91 11.21 -23.17
C LYS B 68 -13.24 11.83 -23.55
N SER B 69 -14.04 12.19 -22.55
CA SER B 69 -15.33 12.88 -22.70
C SER B 69 -15.41 13.81 -21.50
N GLY B 70 -15.50 15.11 -21.75
CA GLY B 70 -15.55 16.13 -20.70
C GLY B 70 -14.31 16.10 -19.84
N ASN B 71 -14.48 15.97 -18.51
CA ASN B 71 -13.34 15.95 -17.57
C ASN B 71 -12.88 14.54 -17.23
N THR B 72 -13.32 13.56 -17.99
CA THR B 72 -13.00 12.16 -17.71
C THR B 72 -12.34 11.48 -18.88
N ALA B 73 -11.11 10.97 -18.64
CA ALA B 73 -10.38 10.17 -19.62
C ALA B 73 -10.63 8.72 -19.24
N SER B 74 -10.71 7.83 -20.22
CA SER B 74 -10.99 6.43 -19.91
C SER B 74 -10.04 5.50 -20.64
N LEU B 75 -9.60 4.46 -19.96
CA LEU B 75 -8.80 3.42 -20.58
C LEU B 75 -9.73 2.23 -20.76
N THR B 76 -9.78 1.65 -21.96
CA THR B 76 -10.60 0.45 -22.19
C THR B 76 -9.68 -0.72 -22.55
N ILE B 77 -9.88 -1.89 -21.92
CA ILE B 77 -9.11 -3.09 -22.26
C ILE B 77 -10.11 -4.12 -22.75
N SER B 78 -9.98 -4.54 -24.00
CA SER B 78 -10.90 -5.53 -24.55
C SER B 78 -10.23 -6.88 -24.48
N GLY B 79 -11.01 -7.95 -24.57
CA GLY B 79 -10.49 -9.31 -24.57
C GLY B 79 -9.54 -9.57 -23.41
N LEU B 80 -9.97 -9.25 -22.18
CA LEU B 80 -9.12 -9.42 -20.98
C LEU B 80 -8.34 -10.71 -20.96
N GLN B 81 -7.03 -10.63 -20.68
CA GLN B 81 -6.20 -11.84 -20.57
C GLN B 81 -5.63 -11.80 -19.17
N ALA B 82 -5.19 -12.94 -18.64
CA ALA B 82 -4.65 -13.00 -17.28
C ALA B 82 -3.48 -12.04 -17.05
N GLU B 83 -2.65 -11.79 -18.09
CA GLU B 83 -1.47 -10.92 -17.98
C GLU B 83 -1.84 -9.45 -17.78
N ASP B 84 -3.11 -9.10 -18.03
CA ASP B 84 -3.62 -7.76 -17.85
C ASP B 84 -3.81 -7.39 -16.38
N GLU B 85 -3.87 -8.39 -15.48
CA GLU B 85 -4.06 -8.15 -14.05
C GLU B 85 -2.84 -7.37 -13.55
N ALA B 86 -3.08 -6.13 -13.10
CA ALA B 86 -2.01 -5.21 -12.72
C ALA B 86 -2.68 -3.96 -12.18
N ASP B 87 -1.88 -2.98 -11.72
CA ASP B 87 -2.40 -1.69 -11.30
C ASP B 87 -2.28 -0.78 -12.49
N TYR B 88 -3.21 0.15 -12.65
CA TYR B 88 -3.17 1.06 -13.77
C TYR B 88 -3.30 2.47 -13.24
N TYR B 89 -2.43 3.37 -13.73
CA TYR B 89 -2.46 4.79 -13.34
C TYR B 89 -2.70 5.68 -14.52
N CYS B 90 -3.49 6.77 -14.32
CA CYS B 90 -3.56 7.80 -15.35
C CYS B 90 -2.66 8.91 -14.83
N GLY B 91 -2.16 9.74 -15.74
CA GLY B 91 -1.32 10.87 -15.36
C GLY B 91 -1.33 11.88 -16.49
N THR B 92 -0.74 13.07 -16.28
CA THR B 92 -0.68 14.06 -17.33
C THR B 92 0.74 14.23 -17.79
N PHE B 93 0.90 14.86 -18.96
CA PHE B 93 2.21 15.21 -19.50
C PHE B 93 2.91 16.12 -18.45
N ALA B 94 4.21 15.93 -18.23
CA ALA B 94 4.98 16.74 -17.26
C ALA B 94 6.24 17.24 -17.90
N GLY B 95 6.36 18.57 -18.02
CA GLY B 95 7.50 19.18 -18.67
C GLY B 95 7.15 20.59 -19.13
N GLY B 96 8.13 21.48 -19.15
CA GLY B 96 7.89 22.87 -19.57
C GLY B 96 6.97 23.57 -18.60
N SER B 97 5.85 24.10 -19.11
CA SER B 97 4.83 24.78 -18.28
C SER B 97 3.87 23.77 -17.63
N TYR B 98 4.03 22.46 -17.91
CA TYR B 98 3.10 21.46 -17.39
C TYR B 98 3.65 20.73 -16.22
N TYR B 99 2.93 20.81 -15.09
CA TYR B 99 3.33 20.14 -13.84
C TYR B 99 2.64 18.79 -13.76
N GLY B 100 3.38 17.77 -13.36
CA GLY B 100 2.82 16.43 -13.39
C GLY B 100 1.87 16.11 -12.26
N VAL B 101 0.92 15.24 -12.57
CA VAL B 101 -0.03 14.70 -11.63
C VAL B 101 -0.44 13.30 -12.07
N PHE B 102 -0.52 12.38 -11.10
CA PHE B 102 -1.01 11.04 -11.34
C PHE B 102 -2.29 10.82 -10.56
N GLY B 103 -3.16 9.98 -11.11
CA GLY B 103 -4.35 9.50 -10.44
C GLY B 103 -3.94 8.52 -9.36
N GLY B 104 -4.85 8.20 -8.44
CA GLY B 104 -4.52 7.32 -7.31
C GLY B 104 -4.29 5.86 -7.62
N GLY B 105 -4.54 5.45 -8.86
CA GLY B 105 -4.37 4.07 -9.31
C GLY B 105 -5.61 3.21 -9.16
N THR B 106 -5.69 2.16 -9.99
CA THR B 106 -6.82 1.25 -9.97
C THR B 106 -6.25 -0.14 -10.07
N LYS B 107 -6.67 -1.00 -9.14
CA LYS B 107 -6.25 -2.39 -9.21
C LYS B 107 -7.18 -3.11 -10.18
N LEU B 108 -6.63 -3.74 -11.24
CA LEU B 108 -7.44 -4.54 -12.17
C LEU B 108 -7.23 -5.99 -11.86
N THR B 109 -8.34 -6.70 -11.53
CA THR B 109 -8.29 -8.13 -11.32
C THR B 109 -8.96 -8.79 -12.52
N VAL B 110 -8.33 -9.85 -13.03
CA VAL B 110 -8.88 -10.65 -14.10
C VAL B 110 -9.38 -11.89 -13.31
N LEU B 111 -10.70 -11.97 -13.14
CA LEU B 111 -11.38 -12.96 -12.30
C LEU B 111 -11.03 -14.41 -12.64
N GLY B 112 -10.46 -15.15 -11.67
CA GLY B 112 -10.08 -16.53 -11.85
C GLY B 112 -10.81 -17.49 -10.93
N GLN B 113 -11.69 -16.92 -10.08
CA GLN B 113 -12.49 -17.65 -9.10
C GLN B 113 -13.69 -16.78 -8.70
N PRO B 114 -14.73 -17.37 -8.11
CA PRO B 114 -15.88 -16.54 -7.70
C PRO B 114 -15.48 -15.42 -6.74
N LYS B 115 -16.12 -14.26 -6.90
CA LYS B 115 -15.93 -13.15 -5.99
C LYS B 115 -16.34 -13.62 -4.59
N ALA B 116 -15.62 -13.17 -3.55
CA ALA B 116 -15.89 -13.63 -2.17
C ALA B 116 -15.77 -12.48 -1.20
N ALA B 117 -16.79 -12.30 -0.36
CA ALA B 117 -16.87 -11.21 0.60
C ALA B 117 -15.86 -11.44 1.74
N PRO B 118 -15.29 -10.40 2.35
CA PRO B 118 -14.34 -10.63 3.44
C PRO B 118 -15.00 -11.11 4.73
N SER B 119 -14.24 -11.84 5.53
CA SER B 119 -14.61 -12.25 6.89
C SER B 119 -13.82 -11.25 7.72
N VAL B 120 -14.52 -10.45 8.55
CA VAL B 120 -13.95 -9.38 9.37
C VAL B 120 -14.10 -9.69 10.85
N THR B 121 -12.99 -9.60 11.61
CA THR B 121 -13.03 -9.81 13.08
C THR B 121 -12.36 -8.62 13.70
N LEU B 122 -13.05 -7.97 14.65
CA LEU B 122 -12.53 -6.80 15.35
C LEU B 122 -12.31 -7.15 16.80
N PHE B 123 -11.06 -6.96 17.29
CA PHE B 123 -10.72 -7.21 18.69
C PHE B 123 -10.46 -5.92 19.42
N PRO B 124 -10.98 -5.80 20.65
CA PRO B 124 -10.72 -4.59 21.43
C PRO B 124 -9.32 -4.70 22.06
N PRO B 125 -8.81 -3.62 22.68
CA PRO B 125 -7.54 -3.75 23.44
C PRO B 125 -7.72 -4.81 24.54
N SER B 126 -6.70 -5.66 24.77
CA SER B 126 -6.76 -6.67 25.84
C SER B 126 -6.61 -6.02 27.19
N SER B 127 -7.09 -6.70 28.26
CA SER B 127 -6.90 -6.23 29.64
C SER B 127 -5.38 -6.04 29.91
N GLU B 128 -4.55 -6.98 29.42
CA GLU B 128 -3.09 -6.93 29.59
C GLU B 128 -2.45 -5.67 28.95
N GLU B 129 -2.82 -5.37 27.70
CA GLU B 129 -2.27 -4.19 27.03
C GLU B 129 -2.65 -2.90 27.72
N LEU B 130 -3.91 -2.80 28.15
CA LEU B 130 -4.40 -1.62 28.85
C LEU B 130 -3.68 -1.43 30.19
N GLN B 131 -3.37 -2.55 30.87
CA GLN B 131 -2.64 -2.52 32.14
C GLN B 131 -1.24 -1.97 31.87
N ALA B 132 -0.66 -2.30 30.70
CA ALA B 132 0.66 -1.82 30.28
C ALA B 132 0.60 -0.40 29.76
N ASN B 133 -0.56 0.30 29.95
CA ASN B 133 -0.79 1.69 29.54
C ASN B 133 -0.74 1.87 28.01
N LYS B 134 -1.20 0.86 27.26
CA LYS B 134 -1.25 0.91 25.80
C LYS B 134 -2.60 0.40 25.34
N ALA B 135 -2.97 0.62 24.08
CA ALA B 135 -4.26 0.12 23.61
C ALA B 135 -4.24 -0.06 22.11
N THR B 136 -4.57 -1.26 21.62
CA THR B 136 -4.58 -1.47 20.16
C THR B 136 -5.83 -2.21 19.78
N LEU B 137 -6.58 -1.66 18.81
CA LEU B 137 -7.74 -2.34 18.23
C LEU B 137 -7.22 -3.03 17.02
N VAL B 138 -7.67 -4.27 16.82
CA VAL B 138 -7.17 -5.16 15.79
C VAL B 138 -8.31 -5.58 14.87
N CYS B 139 -8.21 -5.21 13.58
CA CYS B 139 -9.27 -5.55 12.61
C CYS B 139 -8.66 -6.49 11.58
N LEU B 140 -9.15 -7.72 11.54
CA LEU B 140 -8.59 -8.77 10.70
C LEU B 140 -9.56 -9.08 9.59
N ILE B 141 -9.06 -8.98 8.36
CA ILE B 141 -9.89 -9.11 7.15
C ILE B 141 -9.37 -10.26 6.31
N SER B 142 -10.18 -11.32 6.07
CA SER B 142 -9.69 -12.44 5.30
C SER B 142 -10.68 -13.05 4.29
N ASP B 143 -10.16 -13.93 3.41
CA ASP B 143 -10.92 -14.70 2.44
C ASP B 143 -11.69 -13.86 1.43
N PHE B 144 -11.18 -12.67 1.05
CA PHE B 144 -11.86 -11.81 0.09
C PHE B 144 -11.25 -11.87 -1.29
N TYR B 145 -12.09 -11.68 -2.31
CA TYR B 145 -11.66 -11.72 -3.70
C TYR B 145 -12.67 -10.92 -4.52
N PRO B 146 -12.24 -9.90 -5.35
CA PRO B 146 -10.86 -9.49 -5.65
C PRO B 146 -10.09 -8.99 -4.43
N GLY B 147 -8.79 -8.87 -4.57
CA GLY B 147 -7.94 -8.43 -3.46
C GLY B 147 -7.80 -6.94 -3.32
N ALA B 148 -8.92 -6.25 -3.14
CA ALA B 148 -8.97 -4.82 -2.96
C ALA B 148 -10.00 -4.48 -1.90
N VAL B 149 -9.58 -3.72 -0.88
CA VAL B 149 -10.46 -3.27 0.20
C VAL B 149 -10.13 -1.86 0.61
N THR B 150 -11.09 -1.19 1.21
CA THR B 150 -10.90 0.13 1.80
C THR B 150 -11.25 -0.06 3.27
N VAL B 151 -10.33 0.30 4.16
CA VAL B 151 -10.55 0.18 5.60
C VAL B 151 -10.59 1.57 6.18
N ALA B 152 -11.59 1.86 7.04
CA ALA B 152 -11.71 3.16 7.71
C ALA B 152 -12.08 2.90 9.16
N TRP B 153 -11.76 3.85 10.05
CA TRP B 153 -12.05 3.70 11.48
C TRP B 153 -12.87 4.88 11.96
N LYS B 154 -13.72 4.61 12.93
CA LYS B 154 -14.56 5.60 13.59
C LYS B 154 -14.39 5.51 15.10
N ALA B 155 -14.43 6.68 15.76
CA ALA B 155 -14.44 6.86 17.23
C ALA B 155 -15.86 7.38 17.43
N ASP B 156 -16.75 6.54 17.98
CA ASP B 156 -18.20 6.76 18.07
C ASP B 156 -18.71 6.79 16.61
N SER B 157 -19.25 7.92 16.13
CA SER B 157 -19.72 8.03 14.75
C SER B 157 -18.77 8.91 13.90
N SER B 158 -17.68 9.42 14.53
CA SER B 158 -16.72 10.30 13.87
C SER B 158 -15.53 9.55 13.23
N PRO B 159 -15.05 9.98 12.02
CA PRO B 159 -13.91 9.29 11.40
C PRO B 159 -12.60 9.56 12.14
N VAL B 160 -11.74 8.56 12.23
CA VAL B 160 -10.44 8.72 12.87
C VAL B 160 -9.36 8.21 11.96
N LYS B 161 -8.34 9.05 11.69
CA LYS B 161 -7.23 8.71 10.79
C LYS B 161 -5.91 8.50 11.51
N ALA B 162 -5.68 9.28 12.60
CA ALA B 162 -4.48 9.20 13.42
C ALA B 162 -4.42 7.87 14.17
N GLY B 163 -3.23 7.26 14.18
CA GLY B 163 -2.97 5.99 14.84
C GLY B 163 -3.37 4.76 14.04
N VAL B 164 -3.71 4.94 12.75
CA VAL B 164 -4.15 3.82 11.90
C VAL B 164 -3.00 3.28 11.06
N GLU B 165 -2.78 1.95 11.11
CA GLU B 165 -1.76 1.27 10.29
C GLU B 165 -2.50 0.14 9.56
N THR B 166 -2.57 0.21 8.24
CA THR B 166 -3.29 -0.83 7.46
C THR B 166 -2.36 -1.51 6.46
N THR B 167 -2.47 -2.85 6.32
CA THR B 167 -1.62 -3.54 5.34
C THR B 167 -2.23 -3.43 3.93
N THR B 168 -1.43 -3.70 2.91
CA THR B 168 -2.02 -3.84 1.58
C THR B 168 -2.51 -5.31 1.53
N PRO B 169 -3.57 -5.68 0.79
CA PRO B 169 -3.97 -7.09 0.72
C PRO B 169 -2.86 -8.00 0.20
N SER B 170 -2.74 -9.18 0.77
CA SER B 170 -1.77 -10.13 0.25
C SER B 170 -2.46 -11.46 0.04
N LYS B 171 -2.04 -12.17 -0.99
CA LYS B 171 -2.64 -13.43 -1.37
C LYS B 171 -2.41 -14.50 -0.32
N GLN B 172 -3.48 -15.22 0.02
CA GLN B 172 -3.48 -16.36 0.95
C GLN B 172 -3.17 -17.58 0.10
N SER B 173 -3.02 -18.76 0.74
CA SER B 173 -2.75 -20.02 0.05
C SER B 173 -3.88 -20.45 -0.92
N ASN B 174 -5.14 -20.01 -0.66
CA ASN B 174 -6.31 -20.32 -1.51
C ASN B 174 -6.56 -19.31 -2.66
N ASN B 175 -5.64 -18.35 -2.85
CA ASN B 175 -5.70 -17.30 -3.88
C ASN B 175 -6.72 -16.20 -3.57
N LYS B 176 -7.34 -16.27 -2.38
CA LYS B 176 -8.17 -15.21 -1.84
C LYS B 176 -7.18 -14.35 -1.06
N TYR B 177 -7.61 -13.18 -0.55
CA TYR B 177 -6.72 -12.22 0.09
C TYR B 177 -6.99 -11.97 1.56
N ALA B 178 -5.94 -11.50 2.27
CA ALA B 178 -6.00 -11.14 3.68
C ALA B 178 -5.44 -9.76 3.84
N ALA B 179 -5.99 -9.00 4.79
CA ALA B 179 -5.44 -7.70 5.13
C ALA B 179 -5.71 -7.45 6.59
N SER B 180 -5.00 -6.49 7.17
CA SER B 180 -5.26 -6.16 8.57
C SER B 180 -5.06 -4.69 8.85
N SER B 181 -5.81 -4.19 9.83
CA SER B 181 -5.69 -2.78 10.20
C SER B 181 -5.62 -2.67 11.72
N TYR B 182 -4.81 -1.74 12.18
CA TYR B 182 -4.55 -1.55 13.61
C TYR B 182 -4.79 -0.11 13.97
N LEU B 183 -5.53 0.13 15.04
CA LEU B 183 -5.76 1.46 15.52
C LEU B 183 -5.14 1.55 16.92
N SER B 184 -4.17 2.44 17.09
CA SER B 184 -3.47 2.67 18.36
C SER B 184 -4.13 3.82 19.04
N LEU B 185 -4.44 3.66 20.34
CA LEU B 185 -5.08 4.67 21.19
C LEU B 185 -4.41 4.65 22.55
N THR B 186 -4.69 5.66 23.37
CA THR B 186 -4.25 5.62 24.75
C THR B 186 -5.39 4.93 25.50
N PRO B 187 -5.14 4.31 26.68
CA PRO B 187 -6.27 3.71 27.43
C PRO B 187 -7.42 4.69 27.74
N GLU B 188 -7.11 5.98 27.94
CA GLU B 188 -8.12 7.00 28.23
C GLU B 188 -9.03 7.22 27.03
N GLN B 189 -8.44 7.29 25.79
CA GLN B 189 -9.22 7.46 24.54
C GLN B 189 -10.15 6.28 24.34
N TRP B 190 -9.69 5.05 24.65
CA TRP B 190 -10.49 3.83 24.56
C TRP B 190 -11.72 3.90 25.49
N LYS B 191 -11.50 4.27 26.77
CA LYS B 191 -12.57 4.32 27.78
C LYS B 191 -13.46 5.57 27.66
N SER B 192 -12.98 6.66 27.04
CA SER B 192 -13.76 7.90 26.90
C SER B 192 -14.85 7.88 25.82
N HIS B 193 -14.75 6.94 24.84
CA HIS B 193 -15.72 6.82 23.77
C HIS B 193 -16.71 5.72 24.05
N ARG B 194 -17.92 5.83 23.50
CA ARG B 194 -18.94 4.79 23.68
C ARG B 194 -18.56 3.58 22.84
N SER B 195 -17.85 3.82 21.72
CA SER B 195 -17.44 2.72 20.84
C SER B 195 -16.41 3.13 19.81
N TYR B 196 -15.76 2.13 19.21
CA TYR B 196 -14.85 2.32 18.09
C TYR B 196 -15.30 1.35 17.02
N SER B 197 -15.19 1.76 15.74
CA SER B 197 -15.60 0.88 14.67
C SER B 197 -14.54 0.66 13.59
N CYS B 198 -14.48 -0.57 13.02
CA CYS B 198 -13.63 -0.86 11.86
C CYS B 198 -14.61 -1.00 10.69
N GLN B 199 -14.47 -0.20 9.63
CA GLN B 199 -15.37 -0.27 8.45
C GLN B 199 -14.58 -0.81 7.28
N VAL B 200 -15.03 -1.92 6.68
CA VAL B 200 -14.36 -2.57 5.58
C VAL B 200 -15.27 -2.54 4.37
N THR B 201 -14.79 -1.95 3.28
CA THR B 201 -15.55 -1.89 2.03
C THR B 201 -14.89 -2.77 1.01
N HIS B 202 -15.68 -3.67 0.42
CA HIS B 202 -15.22 -4.59 -0.61
C HIS B 202 -16.27 -4.61 -1.70
N GLU B 203 -15.87 -4.27 -2.95
CA GLU B 203 -16.82 -4.32 -4.09
C GLU B 203 -18.14 -3.57 -3.83
N GLY B 204 -18.01 -2.39 -3.23
CA GLY B 204 -19.14 -1.50 -2.90
C GLY B 204 -19.97 -1.93 -1.72
N SER B 205 -19.58 -3.00 -1.02
CA SER B 205 -20.27 -3.49 0.19
C SER B 205 -19.44 -3.12 1.42
N THR B 206 -19.99 -2.32 2.34
CA THR B 206 -19.31 -1.88 3.56
C THR B 206 -19.90 -2.60 4.78
N VAL B 207 -19.04 -3.24 5.57
CA VAL B 207 -19.44 -3.87 6.84
C VAL B 207 -18.70 -3.11 7.91
N GLU B 208 -19.40 -2.81 9.01
CA GLU B 208 -18.83 -2.08 10.11
C GLU B 208 -18.88 -2.96 11.34
N LYS B 209 -17.72 -3.21 11.96
CA LYS B 209 -17.63 -3.99 13.20
C LYS B 209 -17.39 -3.01 14.31
N THR B 210 -17.99 -3.24 15.50
CA THR B 210 -17.92 -2.28 16.57
C THR B 210 -17.59 -2.97 17.87
N VAL B 211 -16.77 -2.31 18.66
CA VAL B 211 -16.42 -2.77 20.02
C VAL B 211 -16.61 -1.60 20.97
N ALA B 212 -17.00 -1.93 22.20
CA ALA B 212 -17.23 -0.96 23.26
C ALA B 212 -16.37 -1.31 24.49
N PRO B 213 -15.84 -0.29 25.20
CA PRO B 213 -15.08 -0.55 26.43
C PRO B 213 -15.88 -1.14 27.62
N THR B 214 -17.23 -0.97 27.65
CA THR B 214 -18.07 -1.47 28.77
C THR B 214 -19.36 -2.15 28.27
N GLU B 215 -19.99 -3.02 29.09
CA GLU B 215 -21.23 -3.73 28.75
C GLU B 215 -22.48 -2.88 29.02
N ALA B 216 -22.34 -1.84 29.87
CA ALA B 216 -23.43 -0.91 30.18
C ALA B 216 -22.86 0.39 30.75
C1 GOL C . 11.75 21.24 -16.62
O1 GOL C . 10.41 21.07 -17.10
C2 GOL C . 12.33 22.55 -17.10
O2 GOL C . 12.22 22.67 -18.53
C3 GOL C . 11.61 23.72 -16.46
O3 GOL C . 12.28 24.91 -16.79
C1 GOL D . 3.94 -1.67 -4.64
O1 GOL D . 4.33 -0.46 -4.02
C2 GOL D . 4.62 -1.81 -5.98
O2 GOL D . 5.52 -2.93 -5.95
C3 GOL D . 3.65 -1.96 -7.13
O3 GOL D . 3.27 -3.32 -7.30
#